data_1PF3
#
_entry.id   1PF3
#
_cell.length_a   50.445
_cell.length_b   91.193
_cell.length_c   53.905
_cell.angle_alpha   90.00
_cell.angle_beta   102.35
_cell.angle_gamma   90.00
#
_symmetry.space_group_name_H-M   'P 1 21 1'
#
loop_
_entity.id
_entity.type
_entity.pdbx_description
1 polymer 'Blue copper oxidase cueO'
2 non-polymer 'COPPER (II) ION'
3 non-polymer 'CU-CL-CU LINKAGE'
4 water water
#
_entity_poly.entity_id   1
_entity_poly.type   'polypeptide(L)'
_entity_poly.pdbx_seq_one_letter_code
;AERPTLPIPDLLTTDARNRIQLTIGAGQSTFGGKTATTWGYNGNLLGPAVKLQRGKAVTVDIYNQLTEETTLHWHGLEVP
GEVDGGPQGIIPPGGKRSVTLNVDQPAATCWFHPHQHGKTGRQVAMGLAGLVVIEDDEILKLMLPKQWGIDDVPVIVQDK
KFSADGQIDYQLDVMTAAVGWFGDTLLTNGAIYPQHAAPRGWLRLRLLNGCNARSLNFATSDNRPLYVIASDGGLLPEPV
KVSELPVLMGERFEVLVEVNDNKPFDLVTLPVSQMGMAIAPFDKPHPVMRIQPIAISASGALPDTLSSLPALPSLEGLTV
RKLQLSMDPMLDMMGMQMLMEKYGDQAMAGMDHSQMMGHMGHGNMNHMNHGGKFDFHHANKINGQAFDMNKPMFAAAKGQ
YERWVISGVGDMLLHPFHIHGTQFRILSENGKPPAAHRAGWKDTVKVEGNVSEVLVKFNHDAPKEHAYMAHCHLLEHEDT
GMMLGFTVSAWSHPNFEK
;
_entity_poly.pdbx_strand_id   A
#
loop_
_chem_comp.id
_chem_comp.type
_chem_comp.name
_chem_comp.formula
C2C non-polymer 'CU-CL-CU LINKAGE' 'Cl Cu2'
CU non-polymer 'COPPER (II) ION' 'Cu 2'
#
# COMPACT_ATOMS: atom_id res chain seq x y z
N ARG A 3 -8.38 -1.47 26.07
CA ARG A 3 -7.93 -1.74 24.66
C ARG A 3 -6.63 -2.52 24.61
N PRO A 4 -6.49 -3.41 23.62
CA PRO A 4 -5.23 -4.13 23.45
C PRO A 4 -4.14 -3.13 23.04
N THR A 5 -2.88 -3.39 23.37
CA THR A 5 -1.78 -2.58 22.87
C THR A 5 -1.58 -2.81 21.37
N LEU A 6 -1.10 -1.79 20.68
CA LEU A 6 -0.85 -1.86 19.26
C LEU A 6 0.25 -2.91 19.07
N PRO A 7 -0.03 -3.94 18.26
CA PRO A 7 1.04 -4.92 17.91
C PRO A 7 2.17 -4.21 17.16
N ILE A 8 3.40 -4.49 17.50
CA ILE A 8 4.56 -3.86 16.89
C ILE A 8 5.32 -4.96 16.14
N PRO A 9 5.36 -4.92 14.81
CA PRO A 9 6.13 -5.91 14.06
C PRO A 9 7.60 -5.86 14.45
N ASP A 10 8.23 -7.02 14.42
CA ASP A 10 9.65 -7.13 14.71
C ASP A 10 10.46 -6.46 13.60
N LEU A 11 11.48 -5.67 13.96
CA LEU A 11 12.39 -5.05 13.00
C LEU A 11 13.52 -6.06 12.67
N LEU A 12 13.51 -6.61 11.45
CA LEU A 12 14.32 -7.76 11.06
C LEU A 12 15.45 -7.33 10.13
N THR A 13 16.70 -7.57 10.54
CA THR A 13 17.88 -7.28 9.74
C THR A 13 18.61 -8.60 9.42
N THR A 14 19.70 -8.51 8.67
CA THR A 14 20.46 -9.70 8.24
C THR A 14 21.26 -10.34 9.35
N ASP A 15 21.53 -11.63 9.16
CA ASP A 15 22.36 -12.42 10.06
C ASP A 15 23.80 -12.39 9.55
N ALA A 16 24.67 -13.19 10.18
CA ALA A 16 26.09 -13.26 9.81
C ALA A 16 26.34 -13.75 8.37
N ARG A 17 25.37 -14.52 7.83
CA ARG A 17 25.42 -14.98 6.45
C ARG A 17 24.80 -14.00 5.47
N ASN A 18 24.40 -12.84 6.00
CA ASN A 18 23.73 -11.77 5.26
C ASN A 18 22.34 -12.17 4.77
N ARG A 19 21.69 -13.03 5.52
CA ARG A 19 20.39 -13.57 5.15
C ARG A 19 19.26 -13.18 6.10
N ILE A 20 18.06 -13.03 5.52
CA ILE A 20 16.83 -12.85 6.26
C ILE A 20 15.93 -14.01 5.84
N GLN A 21 15.28 -14.65 6.80
CA GLN A 21 14.35 -15.75 6.54
C GLN A 21 12.92 -15.30 6.74
N LEU A 22 12.09 -15.53 5.73
CA LEU A 22 10.65 -15.32 5.79
C LEU A 22 9.92 -16.61 5.51
N THR A 23 9.11 -17.04 6.45
CA THR A 23 8.24 -18.18 6.29
C THR A 23 6.80 -17.74 6.10
N ILE A 24 6.18 -18.22 5.05
CA ILE A 24 4.80 -17.90 4.71
C ILE A 24 3.94 -19.03 5.20
N GLY A 25 3.01 -18.80 6.09
CA GLY A 25 2.29 -19.91 6.68
C GLY A 25 0.93 -19.58 7.23
N ALA A 26 0.11 -20.61 7.42
CA ALA A 26 -1.20 -20.50 8.02
C ALA A 26 -1.17 -20.74 9.49
N GLY A 27 -1.94 -19.94 10.19
CA GLY A 27 -2.12 -20.09 11.61
C GLY A 27 -3.51 -19.60 11.98
N GLN A 28 -3.63 -18.99 13.14
CA GLN A 28 -4.93 -18.53 13.60
C GLN A 28 -4.77 -17.22 14.32
N SER A 29 -5.84 -16.43 14.27
CA SER A 29 -5.90 -15.14 14.97
C SER A 29 -7.27 -15.05 15.61
N THR A 30 -7.42 -14.10 16.54
CA THR A 30 -8.68 -13.88 17.22
C THR A 30 -9.14 -12.46 16.96
N PHE A 31 -10.37 -12.33 16.48
CA PHE A 31 -11.01 -11.04 16.21
C PHE A 31 -12.35 -11.00 16.94
N GLY A 32 -12.50 -10.02 17.83
CA GLY A 32 -13.72 -9.88 18.61
C GLY A 32 -14.10 -11.18 19.31
N GLY A 33 -13.10 -11.88 19.84
CA GLY A 33 -13.30 -13.09 20.63
C GLY A 33 -13.44 -14.37 19.85
N LYS A 34 -13.40 -14.29 18.52
CA LYS A 34 -13.68 -15.42 17.63
C LYS A 34 -12.44 -15.78 16.78
N THR A 35 -12.03 -17.03 16.82
CA THR A 35 -10.90 -17.52 16.05
C THR A 35 -11.18 -17.52 14.55
N ALA A 36 -10.13 -17.26 13.77
CA ALA A 36 -10.19 -17.30 12.33
C ALA A 36 -8.87 -17.84 11.85
N THR A 37 -8.91 -18.66 10.81
CA THR A 37 -7.72 -19.01 10.06
C THR A 37 -7.15 -17.74 9.40
N THR A 38 -5.86 -17.49 9.62
CA THR A 38 -5.12 -16.40 8.98
C THR A 38 -3.78 -16.84 8.49
N TRP A 39 -3.21 -16.04 7.58
CA TRP A 39 -1.90 -16.28 7.04
C TRP A 39 -0.97 -15.17 7.45
N GLY A 40 0.28 -15.49 7.69
CA GLY A 40 1.27 -14.49 7.98
C GLY A 40 2.67 -14.85 7.55
N TYR A 41 3.56 -13.88 7.58
CA TYR A 41 4.99 -14.01 7.42
C TYR A 41 5.61 -14.05 8.79
N ASN A 42 6.36 -15.11 9.10
CA ASN A 42 6.99 -15.24 10.42
C ASN A 42 5.99 -15.09 11.58
N GLY A 43 4.83 -15.70 11.39
CA GLY A 43 3.76 -15.68 12.36
C GLY A 43 2.42 -15.90 11.72
N ASN A 44 1.40 -15.65 12.53
CA ASN A 44 0.01 -15.94 12.23
C ASN A 44 -0.69 -14.97 11.29
N LEU A 45 -0.19 -13.73 11.23
CA LEU A 45 -0.92 -12.64 10.61
C LEU A 45 0.10 -11.52 10.31
N LEU A 46 -0.07 -10.85 9.17
CA LEU A 46 0.78 -9.74 8.79
C LEU A 46 2.22 -10.24 8.76
N GLY A 47 3.20 -9.51 9.28
CA GLY A 47 4.60 -9.85 9.05
C GLY A 47 5.56 -8.89 9.71
N PRO A 48 6.84 -9.20 9.67
CA PRO A 48 7.83 -8.36 10.29
C PRO A 48 8.08 -7.13 9.43
N ALA A 49 8.85 -6.21 9.97
CA ALA A 49 9.36 -5.10 9.23
C ALA A 49 10.84 -5.34 8.88
N VAL A 50 11.10 -5.54 7.60
CA VAL A 50 12.41 -5.82 7.08
C VAL A 50 13.18 -4.52 6.95
N LYS A 51 14.32 -4.45 7.60
CA LYS A 51 15.14 -3.24 7.62
C LYS A 51 16.26 -3.34 6.61
N LEU A 52 16.31 -2.39 5.70
CA LEU A 52 17.28 -2.36 4.60
C LEU A 52 18.08 -1.07 4.65
N GLN A 53 19.29 -1.09 4.08
CA GLN A 53 20.19 0.05 4.11
C GLN A 53 20.63 0.34 2.70
N ARG A 54 20.49 1.58 2.25
CA ARG A 54 20.93 2.02 0.93
C ARG A 54 22.39 1.65 0.72
N GLY A 55 22.67 1.06 -0.44
CA GLY A 55 24.02 0.69 -0.79
C GLY A 55 24.46 -0.69 -0.34
N LYS A 56 23.62 -1.40 0.40
CA LYS A 56 23.91 -2.74 0.92
C LYS A 56 22.97 -3.76 0.32
N ALA A 57 23.51 -4.94 0.08
CA ALA A 57 22.76 -6.09 -0.44
C ALA A 57 22.35 -7.01 0.69
N VAL A 58 21.18 -7.62 0.53
CA VAL A 58 20.67 -8.58 1.49
C VAL A 58 20.13 -9.76 0.70
N THR A 59 20.25 -10.94 1.26
CA THR A 59 19.61 -12.12 0.71
C THR A 59 18.43 -12.53 1.58
N VAL A 60 17.26 -12.69 0.94
CA VAL A 60 16.06 -13.13 1.62
C VAL A 60 15.71 -14.57 1.17
N ASP A 61 15.58 -15.44 2.15
CA ASP A 61 15.18 -16.84 1.92
C ASP A 61 13.68 -16.91 2.25
N ILE A 62 12.89 -17.24 1.25
CA ILE A 62 11.41 -17.22 1.39
C ILE A 62 10.88 -18.65 1.31
N TYR A 63 10.31 -19.15 2.39
CA TYR A 63 9.80 -20.52 2.51
C TYR A 63 8.27 -20.47 2.45
N ASN A 64 7.69 -21.05 1.42
CA ASN A 64 6.25 -21.11 1.27
C ASN A 64 5.74 -22.35 1.97
N GLN A 65 5.17 -22.21 3.16
CA GLN A 65 4.58 -23.33 3.88
C GLN A 65 3.04 -23.39 3.74
N LEU A 66 2.50 -22.60 2.83
CA LEU A 66 1.10 -22.75 2.42
C LEU A 66 0.96 -23.98 1.49
N THR A 67 -0.28 -24.38 1.25
CA THR A 67 -0.57 -25.45 0.29
C THR A 67 -0.91 -24.93 -1.09
N GLU A 68 -0.87 -23.62 -1.29
CA GLU A 68 -1.00 -23.06 -2.62
C GLU A 68 0.18 -22.16 -2.96
N GLU A 69 0.37 -21.97 -4.25
CA GLU A 69 1.41 -21.14 -4.84
C GLU A 69 1.22 -19.70 -4.36
N THR A 70 2.34 -18.99 -4.21
CA THR A 70 2.32 -17.55 -3.93
C THR A 70 3.56 -16.91 -4.53
N THR A 71 3.68 -15.59 -4.40
CA THR A 71 4.87 -14.82 -4.81
C THR A 71 5.05 -13.80 -3.73
N LEU A 72 6.22 -13.18 -3.70
CA LEU A 72 6.50 -12.13 -2.72
C LEU A 72 7.04 -10.91 -3.43
N HIS A 73 6.24 -9.83 -3.46
CA HIS A 73 6.52 -8.59 -4.17
C HIS A 73 6.91 -7.51 -3.14
N TRP A 74 7.95 -6.74 -3.43
CA TRP A 74 8.44 -5.65 -2.55
C TRP A 74 7.91 -4.35 -3.12
N HIS A 75 6.73 -3.97 -2.66
CA HIS A 75 6.07 -2.79 -3.16
C HIS A 75 6.80 -1.51 -2.77
N GLY A 76 7.25 -0.79 -3.81
CA GLY A 76 8.02 0.43 -3.65
C GLY A 76 9.50 0.27 -3.86
N LEU A 77 9.96 -0.98 -3.97
CA LEU A 77 11.40 -1.23 -4.16
C LEU A 77 11.83 -1.18 -5.61
N GLU A 78 12.89 -0.45 -5.84
CA GLU A 78 13.51 -0.34 -7.16
C GLU A 78 14.54 -1.48 -7.32
N VAL A 79 14.06 -2.60 -7.83
CA VAL A 79 14.86 -3.80 -7.98
C VAL A 79 14.59 -4.42 -9.36
N PRO A 80 15.52 -5.21 -9.89
CA PRO A 80 15.28 -5.86 -11.19
C PRO A 80 14.04 -6.77 -11.19
N GLY A 81 13.48 -7.03 -12.37
CA GLY A 81 12.31 -7.88 -12.49
C GLY A 81 12.47 -9.27 -11.93
N GLU A 82 13.66 -9.81 -12.02
CA GLU A 82 13.94 -11.14 -11.53
C GLU A 82 13.69 -11.33 -10.02
N VAL A 83 13.75 -10.23 -9.25
CA VAL A 83 13.50 -10.34 -7.81
C VAL A 83 12.28 -9.54 -7.37
N ASP A 84 11.50 -9.05 -8.32
CA ASP A 84 10.36 -8.17 -8.06
C ASP A 84 9.14 -8.93 -7.52
N GLY A 85 9.06 -10.24 -7.73
CA GLY A 85 8.01 -11.03 -7.11
C GLY A 85 6.62 -10.78 -7.62
N GLY A 86 6.54 -10.40 -8.89
CA GLY A 86 5.26 -10.33 -9.58
C GLY A 86 4.72 -11.70 -9.84
N PRO A 87 3.64 -11.80 -10.61
CA PRO A 87 2.96 -13.09 -10.80
C PRO A 87 3.82 -14.17 -11.41
N GLN A 88 4.91 -13.83 -12.09
CA GLN A 88 5.81 -14.87 -12.59
C GLN A 88 6.78 -15.40 -11.54
N GLY A 89 6.85 -14.74 -10.37
CA GLY A 89 7.78 -15.14 -9.32
C GLY A 89 7.23 -16.25 -8.43
N ILE A 90 6.83 -17.35 -9.04
CA ILE A 90 6.19 -18.43 -8.28
C ILE A 90 7.06 -19.10 -7.24
N ILE A 91 6.47 -19.35 -6.08
CA ILE A 91 7.10 -20.12 -5.05
C ILE A 91 6.18 -21.31 -4.83
N PRO A 92 6.65 -22.52 -5.14
CA PRO A 92 5.77 -23.65 -5.01
C PRO A 92 5.41 -23.94 -3.55
N PRO A 93 4.23 -24.51 -3.31
CA PRO A 93 3.85 -24.92 -1.97
C PRO A 93 4.87 -25.90 -1.39
N GLY A 94 5.42 -25.59 -0.23
CA GLY A 94 6.44 -26.39 0.41
C GLY A 94 7.84 -26.16 -0.10
N GLY A 95 7.99 -25.21 -1.03
CA GLY A 95 9.26 -24.85 -1.63
C GLY A 95 9.84 -23.56 -1.07
N LYS A 96 11.00 -23.20 -1.62
CA LYS A 96 11.78 -22.04 -1.19
C LYS A 96 12.33 -21.29 -2.37
N ARG A 97 12.26 -19.98 -2.30
CA ARG A 97 12.95 -19.14 -3.27
C ARG A 97 13.79 -18.10 -2.53
N SER A 98 14.98 -17.83 -3.03
CA SER A 98 15.87 -16.83 -2.47
C SER A 98 16.06 -15.70 -3.47
N VAL A 99 16.09 -14.46 -2.98
CA VAL A 99 16.38 -13.31 -3.80
C VAL A 99 17.44 -12.44 -3.13
N THR A 100 18.28 -11.80 -3.93
CA THR A 100 19.24 -10.84 -3.40
C THR A 100 18.77 -9.46 -3.84
N LEU A 101 18.59 -8.59 -2.84
CA LEU A 101 18.13 -7.23 -3.03
C LEU A 101 19.32 -6.28 -2.82
N ASN A 102 19.66 -5.57 -3.89
CA ASN A 102 20.71 -4.55 -3.86
C ASN A 102 20.04 -3.19 -3.72
N VAL A 103 19.97 -2.68 -2.49
CA VAL A 103 19.15 -1.53 -2.22
C VAL A 103 19.77 -0.24 -2.72
N ASP A 104 19.08 0.46 -3.62
CA ASP A 104 19.62 1.64 -4.30
C ASP A 104 18.62 2.74 -4.55
N GLN A 105 18.06 3.23 -3.44
CA GLN A 105 17.09 4.30 -3.44
C GLN A 105 17.11 4.92 -2.06
N PRO A 106 16.54 6.11 -1.94
CA PRO A 106 16.53 6.77 -0.63
C PRO A 106 15.64 6.13 0.43
N ALA A 107 15.88 6.55 1.65
CA ALA A 107 15.11 6.11 2.81
C ALA A 107 13.60 6.31 2.55
N ALA A 108 12.81 5.33 2.96
CA ALA A 108 11.37 5.26 2.70
C ALA A 108 10.78 4.10 3.50
N THR A 109 9.46 4.15 3.69
CA THR A 109 8.69 3.02 4.18
C THR A 109 8.05 2.37 2.96
N CYS A 110 8.48 1.15 2.62
CA CYS A 110 7.90 0.36 1.54
C CYS A 110 7.14 -0.80 2.22
N TRP A 111 6.65 -1.77 1.47
CA TRP A 111 5.94 -2.90 2.07
C TRP A 111 6.03 -4.09 1.16
N PHE A 112 5.62 -5.26 1.63
CA PHE A 112 5.69 -6.48 0.84
C PHE A 112 4.44 -7.30 1.00
N HIS A 113 4.07 -8.03 -0.04
CA HIS A 113 2.80 -8.74 -0.05
C HIS A 113 2.78 -9.71 -1.23
N PRO A 114 1.84 -10.62 -1.25
CA PRO A 114 1.72 -11.55 -2.38
C PRO A 114 1.33 -10.91 -3.71
N HIS A 115 1.71 -11.55 -4.81
CA HIS A 115 1.29 -11.11 -6.14
C HIS A 115 0.83 -12.28 -7.01
N GLN A 116 0.24 -13.29 -6.40
CA GLN A 116 -0.18 -14.46 -7.14
C GLN A 116 -1.22 -14.11 -8.22
N HIS A 117 -1.07 -14.68 -9.40
CA HIS A 117 -1.93 -14.40 -10.55
C HIS A 117 -3.39 -14.70 -10.21
N GLY A 118 -4.26 -13.71 -10.32
CA GLY A 118 -5.68 -13.90 -10.12
C GLY A 118 -6.11 -14.06 -8.66
N LYS A 119 -5.18 -14.08 -7.69
CA LYS A 119 -5.46 -14.39 -6.28
C LYS A 119 -4.85 -13.42 -5.28
N THR A 120 -4.36 -12.30 -5.77
CA THR A 120 -3.68 -11.38 -4.89
C THR A 120 -4.63 -10.81 -3.84
N GLY A 121 -5.85 -10.46 -4.22
CA GLY A 121 -6.82 -10.02 -3.26
C GLY A 121 -7.08 -11.02 -2.15
N ARG A 122 -7.28 -12.29 -2.48
CA ARG A 122 -7.54 -13.28 -1.43
C ARG A 122 -6.35 -13.44 -0.49
N GLN A 123 -5.14 -13.45 -1.07
CA GLN A 123 -3.95 -13.74 -0.27
C GLN A 123 -3.62 -12.60 0.71
N VAL A 124 -3.86 -11.36 0.27
CA VAL A 124 -3.77 -10.20 1.14
C VAL A 124 -4.89 -10.23 2.18
N ALA A 125 -6.12 -10.52 1.78
CA ALA A 125 -7.24 -10.58 2.71
C ALA A 125 -7.03 -11.63 3.82
N MET A 126 -6.36 -12.73 3.49
CA MET A 126 -6.10 -13.78 4.46
C MET A 126 -5.10 -13.42 5.51
N GLY A 127 -4.30 -12.37 5.25
CA GLY A 127 -3.41 -11.80 6.24
C GLY A 127 -1.99 -11.46 5.84
N LEU A 128 -1.59 -11.81 4.62
CA LEU A 128 -0.21 -11.59 4.21
C LEU A 128 0.08 -10.12 3.83
N ALA A 129 0.93 -9.49 4.64
CA ALA A 129 1.57 -8.20 4.36
C ALA A 129 2.66 -8.00 5.37
N GLY A 130 3.74 -7.34 4.97
CA GLY A 130 4.79 -6.92 5.89
C GLY A 130 5.32 -5.57 5.46
N LEU A 131 6.24 -5.03 6.24
CA LEU A 131 6.78 -3.69 5.99
C LEU A 131 8.23 -3.77 5.62
N VAL A 132 8.68 -2.73 4.93
CA VAL A 132 10.08 -2.55 4.63
C VAL A 132 10.52 -1.14 5.09
N VAL A 133 11.55 -1.07 5.92
CA VAL A 133 12.07 0.18 6.40
C VAL A 133 13.41 0.37 5.75
N ILE A 134 13.51 1.29 4.78
CA ILE A 134 14.78 1.58 4.13
C ILE A 134 15.43 2.75 4.86
N GLU A 135 16.68 2.61 5.28
CA GLU A 135 17.42 3.72 5.87
C GLU A 135 18.52 4.14 4.93
N ASP A 136 18.96 5.38 5.09
CA ASP A 136 20.14 5.89 4.38
C ASP A 136 20.92 6.84 5.28
N ASP A 137 22.05 7.34 4.78
CA ASP A 137 22.84 8.26 5.59
C ASP A 137 22.15 9.61 5.79
N GLU A 138 21.44 10.09 4.79
CA GLU A 138 20.81 11.40 4.86
C GLU A 138 19.78 11.51 5.98
N ILE A 139 18.96 10.48 6.13
CA ILE A 139 17.84 10.57 7.07
C ILE A 139 18.31 10.54 8.53
N LEU A 140 19.35 9.76 8.79
CA LEU A 140 19.89 9.63 10.15
C LEU A 140 20.31 10.96 10.77
N LYS A 141 20.85 11.86 9.96
CA LYS A 141 21.31 13.18 10.40
C LYS A 141 20.17 14.12 10.83
N LEU A 142 18.93 13.79 10.47
CA LEU A 142 17.79 14.62 10.82
C LEU A 142 17.33 14.46 12.27
N MET A 143 17.68 13.36 12.91
CA MET A 143 17.25 13.12 14.32
C MET A 143 15.70 13.20 14.48
N LEU A 144 15.01 12.60 13.51
CA LEU A 144 13.59 12.29 13.63
C LEU A 144 13.34 11.32 14.77
N PRO A 145 12.09 11.23 15.21
CA PRO A 145 11.75 10.14 16.13
C PRO A 145 12.14 8.82 15.51
N LYS A 146 12.82 7.97 16.24
CA LYS A 146 13.38 6.77 15.66
C LYS A 146 13.46 5.59 16.61
N GLN A 147 12.77 5.61 17.75
CA GLN A 147 12.71 4.46 18.64
C GLN A 147 11.58 3.58 18.22
N TRP A 148 11.90 2.50 17.53
CA TRP A 148 10.89 1.60 16.98
C TRP A 148 9.98 1.06 18.03
N GLY A 149 8.67 1.17 17.83
CA GLY A 149 7.70 0.67 18.77
C GLY A 149 7.38 1.62 19.91
N ILE A 150 8.07 2.76 19.97
CA ILE A 150 7.86 3.74 21.04
C ILE A 150 7.39 5.07 20.44
N ASP A 151 8.30 5.80 19.79
CA ASP A 151 7.96 7.08 19.12
C ASP A 151 8.07 7.01 17.61
N ASP A 152 8.40 5.83 17.08
CA ASP A 152 8.40 5.57 15.61
C ASP A 152 7.64 4.26 15.44
N VAL A 153 6.38 4.31 14.99
N VAL A 153 6.43 4.32 14.88
CA VAL A 153 5.57 3.10 14.88
CA VAL A 153 5.60 3.14 14.89
C VAL A 153 4.91 2.95 13.53
C VAL A 153 4.85 2.95 13.56
N PRO A 154 4.84 1.71 13.06
CA PRO A 154 4.11 1.42 11.84
C PRO A 154 2.63 1.29 12.17
N VAL A 155 1.79 1.69 11.23
CA VAL A 155 0.33 1.68 11.39
C VAL A 155 -0.26 1.15 10.09
N ILE A 156 -0.48 -0.16 10.05
CA ILE A 156 -1.01 -0.84 8.87
C ILE A 156 -2.51 -0.99 9.07
N VAL A 157 -3.29 -0.28 8.26
CA VAL A 157 -4.71 -0.23 8.47
C VAL A 157 -5.43 -0.98 7.39
N GLN A 158 -6.35 -1.88 7.76
CA GLN A 158 -7.00 -2.81 6.86
C GLN A 158 -8.42 -3.07 7.34
N ASP A 159 -9.33 -3.25 6.42
CA ASP A 159 -10.64 -3.78 6.78
C ASP A 159 -10.75 -5.27 6.43
N LYS A 160 -11.65 -5.94 7.15
CA LYS A 160 -12.04 -7.30 6.82
C LYS A 160 -13.53 -7.45 7.11
N LYS A 161 -14.10 -8.47 6.51
CA LYS A 161 -15.41 -8.94 7.00
C LYS A 161 -15.31 -10.43 7.24
N PHE A 162 -16.18 -10.88 8.13
CA PHE A 162 -16.14 -12.23 8.65
C PHE A 162 -17.50 -12.87 8.54
N SER A 163 -17.52 -14.17 8.27
CA SER A 163 -18.78 -14.93 8.36
C SER A 163 -19.14 -15.21 9.80
N ALA A 164 -20.37 -15.66 9.98
CA ALA A 164 -20.89 -16.04 11.29
C ALA A 164 -20.01 -17.03 12.06
N ASP A 165 -19.36 -17.96 11.37
CA ASP A 165 -18.45 -18.93 11.99
C ASP A 165 -17.11 -18.33 12.45
N GLY A 166 -16.93 -17.02 12.21
CA GLY A 166 -15.70 -16.31 12.57
C GLY A 166 -14.60 -16.25 11.51
N GLN A 167 -14.75 -16.99 10.42
CA GLN A 167 -13.74 -17.01 9.36
C GLN A 167 -13.80 -15.74 8.51
N ILE A 168 -12.66 -15.37 7.97
CA ILE A 168 -12.62 -14.30 6.96
C ILE A 168 -13.51 -14.69 5.76
N ASP A 169 -14.39 -13.78 5.36
CA ASP A 169 -15.36 -13.97 4.28
C ASP A 169 -14.92 -13.25 3.02
N TYR A 170 -14.04 -13.90 2.28
CA TYR A 170 -13.50 -13.38 1.01
C TYR A 170 -14.16 -14.04 -0.19
N GLN A 171 -14.63 -13.21 -1.11
CA GLN A 171 -15.18 -13.67 -2.37
C GLN A 171 -14.81 -12.72 -3.49
N LEU A 172 -14.33 -13.33 -4.56
CA LEU A 172 -14.18 -12.67 -5.82
C LEU A 172 -15.38 -13.08 -6.66
N ASP A 173 -16.33 -12.18 -6.77
CA ASP A 173 -17.60 -12.46 -7.44
C ASP A 173 -17.98 -11.23 -8.21
N VAL A 174 -19.15 -11.22 -8.83
CA VAL A 174 -19.47 -10.11 -9.71
C VAL A 174 -19.47 -8.79 -8.94
N MET A 175 -20.00 -8.75 -7.72
CA MET A 175 -20.07 -7.49 -7.00
C MET A 175 -18.65 -6.99 -6.65
N THR A 176 -17.86 -7.87 -6.08
CA THR A 176 -16.51 -7.44 -5.65
C THR A 176 -15.57 -7.18 -6.83
N ALA A 177 -15.77 -7.87 -7.96
CA ALA A 177 -14.96 -7.57 -9.13
C ALA A 177 -15.24 -6.18 -9.65
N ALA A 178 -16.46 -5.68 -9.41
CA ALA A 178 -16.86 -4.38 -9.82
C ALA A 178 -16.46 -3.29 -8.82
N VAL A 179 -16.76 -3.46 -7.53
CA VAL A 179 -16.57 -2.37 -6.56
C VAL A 179 -15.47 -2.65 -5.51
N GLY A 180 -14.98 -3.89 -5.43
CA GLY A 180 -13.91 -4.25 -4.50
C GLY A 180 -14.42 -5.04 -3.31
N TRP A 181 -13.52 -5.76 -2.66
CA TRP A 181 -13.81 -6.44 -1.40
C TRP A 181 -13.64 -5.47 -0.26
N PHE A 182 -14.67 -5.26 0.53
CA PHE A 182 -14.60 -4.41 1.70
C PHE A 182 -15.45 -5.00 2.82
N GLY A 183 -15.15 -4.59 4.04
CA GLY A 183 -15.76 -5.16 5.24
C GLY A 183 -16.22 -4.11 6.21
N ASP A 184 -16.61 -4.59 7.37
CA ASP A 184 -17.19 -3.75 8.41
C ASP A 184 -16.33 -3.67 9.69
N THR A 185 -15.16 -4.30 9.66
CA THR A 185 -14.26 -4.37 10.77
C THR A 185 -12.93 -3.77 10.41
N LEU A 186 -12.46 -2.80 11.15
CA LEU A 186 -11.17 -2.16 10.88
C LEU A 186 -10.12 -2.70 11.82
N LEU A 187 -8.97 -3.09 11.24
CA LEU A 187 -7.80 -3.58 11.93
C LEU A 187 -6.64 -2.61 11.82
N THR A 188 -5.86 -2.54 12.88
CA THR A 188 -4.69 -1.72 12.98
C THR A 188 -3.55 -2.63 13.44
N ASN A 189 -2.58 -2.87 12.57
CA ASN A 189 -1.55 -3.92 12.79
C ASN A 189 -2.21 -5.23 13.24
N GLY A 190 -3.37 -5.54 12.70
CA GLY A 190 -4.12 -6.75 13.01
C GLY A 190 -5.03 -6.75 14.22
N ALA A 191 -5.05 -5.66 14.98
CA ALA A 191 -5.86 -5.56 16.21
C ALA A 191 -7.04 -4.59 15.98
N ILE A 192 -8.11 -4.82 16.72
CA ILE A 192 -9.24 -3.92 16.66
C ILE A 192 -9.07 -2.80 17.70
N TYR A 193 -8.98 -1.57 17.19
CA TYR A 193 -8.90 -0.34 17.99
C TYR A 193 -7.91 -0.46 19.14
N PRO A 194 -6.63 -0.66 18.84
CA PRO A 194 -5.63 -0.75 19.92
C PRO A 194 -5.28 0.62 20.49
N GLN A 195 -4.54 0.60 21.60
CA GLN A 195 -3.93 1.80 22.16
C GLN A 195 -2.40 1.72 22.03
N HIS A 196 -1.77 2.87 21.89
CA HIS A 196 -0.32 2.97 21.86
C HIS A 196 0.15 4.07 22.78
N ALA A 197 0.97 3.69 23.75
CA ALA A 197 1.61 4.63 24.64
C ALA A 197 2.77 5.30 23.96
N ALA A 198 2.76 6.63 23.99
CA ALA A 198 3.80 7.42 23.38
C ALA A 198 4.33 8.51 24.28
N PRO A 199 5.63 8.78 24.21
CA PRO A 199 6.22 9.86 25.01
C PRO A 199 5.83 11.26 24.53
N ARG A 200 5.89 12.19 25.45
CA ARG A 200 5.61 13.61 25.23
C ARG A 200 6.56 14.15 24.19
N GLY A 201 6.01 14.79 23.17
CA GLY A 201 6.82 15.36 22.11
C GLY A 201 6.27 14.80 20.80
N TRP A 202 7.16 14.60 19.83
CA TRP A 202 6.76 14.11 18.53
C TRP A 202 6.64 12.60 18.47
N LEU A 203 5.57 12.18 17.85
CA LEU A 203 5.33 10.78 17.51
C LEU A 203 5.27 10.62 15.98
N ARG A 204 6.10 9.71 15.46
CA ARG A 204 6.17 9.40 14.04
C ARG A 204 5.34 8.16 13.74
N LEU A 205 4.41 8.30 12.83
CA LEU A 205 3.53 7.22 12.37
C LEU A 205 3.84 6.91 10.94
N ARG A 206 4.20 5.66 10.65
CA ARG A 206 4.37 5.22 9.27
C ARG A 206 3.05 4.54 8.87
N LEU A 207 2.25 5.27 8.09
CA LEU A 207 0.89 4.85 7.78
C LEU A 207 0.89 4.07 6.47
N LEU A 208 0.25 2.91 6.45
CA LEU A 208 0.03 2.11 5.22
C LEU A 208 -1.42 1.77 5.11
N ASN A 209 -2.02 2.10 3.97
CA ASN A 209 -3.36 1.62 3.67
C ASN A 209 -3.20 0.25 3.05
N GLY A 210 -3.42 -0.80 3.83
CA GLY A 210 -3.33 -2.16 3.34
C GLY A 210 -4.67 -2.81 3.01
N CYS A 211 -5.69 -2.01 2.78
CA CYS A 211 -6.99 -2.52 2.37
C CYS A 211 -6.95 -3.00 0.94
N ASN A 212 -7.83 -3.92 0.60
CA ASN A 212 -7.97 -4.41 -0.77
C ASN A 212 -8.51 -3.34 -1.67
N ALA A 213 -9.52 -2.63 -1.19
CA ALA A 213 -10.32 -1.75 -2.01
C ALA A 213 -10.75 -0.44 -1.39
N ARG A 214 -10.64 -0.33 -0.08
CA ARG A 214 -11.12 0.81 0.68
C ARG A 214 -10.06 1.91 0.75
N SER A 215 -10.35 3.11 0.25
CA SER A 215 -9.59 4.31 0.52
C SER A 215 -9.83 4.82 1.94
N LEU A 216 -8.81 5.47 2.51
CA LEU A 216 -8.84 5.96 3.87
C LEU A 216 -8.62 7.46 3.91
N ASN A 217 -8.91 8.12 5.02
CA ASN A 217 -8.62 9.56 5.16
C ASN A 217 -8.29 9.85 6.61
N PHE A 218 -7.03 9.90 6.94
CA PHE A 218 -6.60 10.02 8.34
C PHE A 218 -6.73 11.42 8.92
N ALA A 219 -7.07 11.45 10.21
CA ALA A 219 -7.17 12.70 10.93
C ALA A 219 -7.08 12.35 12.41
N THR A 220 -7.14 13.34 13.28
CA THR A 220 -7.11 13.14 14.73
C THR A 220 -8.46 13.54 15.32
N SER A 221 -8.81 12.91 16.42
CA SER A 221 -10.12 13.11 17.01
C SER A 221 -10.33 14.52 17.54
N ASP A 222 -9.27 15.21 17.93
CA ASP A 222 -9.36 16.58 18.41
C ASP A 222 -8.80 17.61 17.41
N ASN A 223 -8.59 17.18 16.16
CA ASN A 223 -8.21 18.07 15.07
C ASN A 223 -6.82 18.67 15.20
N ARG A 224 -5.96 18.08 16.03
CA ARG A 224 -4.57 18.46 16.01
C ARG A 224 -3.96 18.04 14.64
N PRO A 225 -3.07 18.87 14.09
CA PRO A 225 -2.53 18.62 12.75
C PRO A 225 -1.63 17.43 12.64
N LEU A 226 -1.53 16.92 11.41
CA LEU A 226 -0.53 15.93 11.06
C LEU A 226 0.51 16.61 10.21
N TYR A 227 1.78 16.38 10.50
CA TYR A 227 2.85 16.93 9.68
C TYR A 227 3.41 15.81 8.84
N VAL A 228 3.10 15.87 7.56
CA VAL A 228 3.57 14.87 6.61
C VAL A 228 5.03 15.12 6.32
N ILE A 229 5.85 14.08 6.49
CA ILE A 229 7.26 14.17 6.21
C ILE A 229 7.74 13.27 5.09
N ALA A 230 6.92 12.32 4.67
CA ALA A 230 7.29 11.36 3.62
C ALA A 230 6.07 10.79 2.93
N SER A 231 6.27 10.42 1.67
CA SER A 231 5.33 9.71 0.83
C SER A 231 5.94 8.34 0.45
N ASP A 232 5.32 7.64 -0.51
CA ASP A 232 5.67 6.26 -0.86
C ASP A 232 7.16 6.06 -0.96
N GLY A 233 7.84 6.99 -1.65
CA GLY A 233 9.21 6.82 -2.02
C GLY A 233 10.23 7.54 -1.19
N GLY A 234 9.75 8.23 -0.17
CA GLY A 234 10.64 8.79 0.83
C GLY A 234 10.27 10.19 1.25
N LEU A 235 11.23 10.85 1.86
CA LEU A 235 11.01 12.18 2.41
C LEU A 235 10.54 13.22 1.39
N LEU A 236 9.67 14.11 1.86
CA LEU A 236 9.35 15.36 1.16
C LEU A 236 10.51 16.34 1.44
N PRO A 237 10.61 17.43 0.68
CA PRO A 237 11.68 18.40 0.95
C PRO A 237 11.51 19.13 2.27
N GLU A 238 10.26 19.41 2.64
CA GLU A 238 9.88 20.09 3.90
C GLU A 238 8.61 19.48 4.45
N PRO A 239 8.38 19.56 5.74
CA PRO A 239 7.10 19.06 6.29
C PRO A 239 5.93 19.81 5.73
N VAL A 240 4.82 19.10 5.52
CA VAL A 240 3.57 19.70 5.06
C VAL A 240 2.49 19.44 6.08
N LYS A 241 2.01 20.50 6.72
CA LYS A 241 0.95 20.46 7.70
C LYS A 241 -0.39 20.26 7.03
N VAL A 242 -1.11 19.23 7.46
CA VAL A 242 -2.46 18.90 6.97
C VAL A 242 -3.44 18.65 8.13
N SER A 243 -4.73 18.85 7.90
CA SER A 243 -5.76 18.55 8.87
C SER A 243 -6.39 17.18 8.60
N GLU A 244 -6.20 16.66 7.38
CA GLU A 244 -6.64 15.34 6.98
C GLU A 244 -5.70 14.82 5.88
N LEU A 245 -5.63 13.51 5.77
CA LEU A 245 -4.67 12.86 4.88
C LEU A 245 -5.30 11.67 4.20
N PRO A 246 -5.85 11.88 3.01
CA PRO A 246 -6.28 10.76 2.18
C PRO A 246 -5.13 9.85 1.80
N VAL A 247 -5.37 8.55 1.93
CA VAL A 247 -4.42 7.51 1.56
C VAL A 247 -5.10 6.43 0.72
N LEU A 248 -4.60 6.20 -0.47
CA LEU A 248 -5.18 5.19 -1.35
C LEU A 248 -4.61 3.85 -1.04
N MET A 249 -5.18 2.81 -1.59
CA MET A 249 -4.74 1.44 -1.34
C MET A 249 -3.30 1.27 -1.84
N GLY A 250 -2.46 0.81 -0.95
CA GLY A 250 -1.05 0.55 -1.22
C GLY A 250 -0.09 1.69 -0.93
N GLU A 251 -0.63 2.88 -0.71
CA GLU A 251 0.16 4.08 -0.45
C GLU A 251 0.65 4.11 1.00
N ARG A 252 1.81 4.73 1.21
CA ARG A 252 2.31 5.05 2.54
C ARG A 252 2.53 6.55 2.68
N PHE A 253 2.32 7.07 3.87
CA PHE A 253 2.85 8.37 4.27
C PHE A 253 3.42 8.25 5.67
N GLU A 254 4.44 9.04 5.96
CA GLU A 254 4.92 9.18 7.33
C GLU A 254 4.51 10.56 7.82
N VAL A 255 3.96 10.61 9.03
CA VAL A 255 3.52 11.86 9.63
C VAL A 255 4.12 11.96 11.03
N LEU A 256 4.34 13.20 11.49
CA LEU A 256 4.58 13.48 12.90
C LEU A 256 3.34 14.14 13.49
N VAL A 257 3.04 13.78 14.73
CA VAL A 257 1.92 14.34 15.47
C VAL A 257 2.39 14.62 16.88
N GLU A 258 1.89 15.71 17.45
CA GLU A 258 2.32 16.11 18.79
C GLU A 258 1.56 15.33 19.85
N VAL A 259 2.31 14.90 20.85
CA VAL A 259 1.80 14.20 22.06
C VAL A 259 2.05 15.07 23.31
N ASN A 260 0.96 15.34 24.03
CA ASN A 260 0.97 16.27 25.20
C ASN A 260 0.43 15.54 26.43
N ASP A 261 1.06 15.75 27.61
CA ASP A 261 0.64 15.07 28.83
C ASP A 261 -0.83 15.24 29.11
N ASN A 262 -1.46 14.17 29.57
CA ASN A 262 -2.84 14.20 30.05
C ASN A 262 -3.90 14.37 28.98
N LYS A 263 -3.53 14.27 27.69
CA LYS A 263 -4.51 14.46 26.64
C LYS A 263 -4.45 13.35 25.60
N PRO A 264 -5.08 12.23 25.93
CA PRO A 264 -5.23 11.17 24.92
C PRO A 264 -6.06 11.67 23.77
N PHE A 265 -5.76 11.13 22.59
CA PHE A 265 -6.56 11.39 21.39
C PHE A 265 -6.51 10.17 20.49
N ASP A 266 -7.42 10.08 19.54
CA ASP A 266 -7.44 8.96 18.60
C ASP A 266 -6.94 9.43 17.24
N LEU A 267 -6.17 8.59 16.58
CA LEU A 267 -6.10 8.63 15.11
C LEU A 267 -7.38 8.03 14.59
N VAL A 268 -8.02 8.70 13.63
CA VAL A 268 -9.27 8.26 13.03
C VAL A 268 -9.21 8.26 11.51
N THR A 269 -10.20 7.64 10.89
CA THR A 269 -10.37 7.75 9.44
C THR A 269 -11.73 8.35 9.18
N LEU A 270 -11.76 9.32 8.29
CA LEU A 270 -12.98 10.08 7.98
C LEU A 270 -13.69 9.44 6.80
N PRO A 271 -15.02 9.57 6.67
CA PRO A 271 -15.72 9.00 5.54
C PRO A 271 -15.20 9.47 4.20
N VAL A 272 -15.19 8.55 3.25
CA VAL A 272 -14.66 8.82 1.94
C VAL A 272 -15.81 8.78 0.91
N SER A 273 -15.61 9.48 -0.20
CA SER A 273 -16.52 9.48 -1.35
C SER A 273 -16.00 8.46 -2.34
N GLN A 274 -16.22 7.22 -1.98
CA GLN A 274 -15.97 6.08 -2.82
C GLN A 274 -17.13 5.14 -2.68
N MET A 275 -17.55 4.59 -3.82
CA MET A 275 -18.72 3.70 -3.85
C MET A 275 -18.54 2.53 -2.91
N GLY A 276 -19.53 2.31 -2.06
CA GLY A 276 -19.55 1.21 -1.11
C GLY A 276 -18.83 1.43 0.21
N MET A 277 -18.05 2.49 0.29
CA MET A 277 -17.14 2.65 1.43
C MET A 277 -17.65 3.49 2.56
N ALA A 278 -18.86 4.04 2.46
CA ALA A 278 -19.45 4.81 3.54
C ALA A 278 -20.67 4.10 4.11
N ILE A 279 -20.68 2.80 4.06
CA ILE A 279 -21.67 2.01 4.79
C ILE A 279 -21.24 1.89 6.26
N ALA A 280 -22.17 1.90 7.20
CA ALA A 280 -21.86 1.68 8.61
C ALA A 280 -20.84 0.54 8.78
N PRO A 281 -19.87 0.69 9.69
CA PRO A 281 -19.67 1.87 10.57
C PRO A 281 -18.90 3.10 9.96
N PHE A 282 -18.67 3.04 8.66
CA PHE A 282 -17.76 3.98 7.97
C PHE A 282 -18.47 5.17 7.35
N ASP A 283 -19.77 5.29 7.63
CA ASP A 283 -20.50 6.54 7.41
C ASP A 283 -20.12 7.70 8.31
N LYS A 284 -19.39 7.42 9.40
CA LYS A 284 -18.95 8.44 10.34
C LYS A 284 -17.44 8.29 10.58
N PRO A 285 -16.82 9.26 11.23
CA PRO A 285 -15.40 9.08 11.62
C PRO A 285 -15.27 7.78 12.39
N HIS A 286 -14.21 7.00 12.12
CA HIS A 286 -14.03 5.69 12.71
C HIS A 286 -12.65 5.65 13.37
N PRO A 287 -12.56 5.26 14.64
CA PRO A 287 -11.27 5.26 15.33
C PRO A 287 -10.34 4.21 14.70
N VAL A 288 -9.05 4.53 14.66
CA VAL A 288 -8.01 3.64 14.16
C VAL A 288 -7.16 3.20 15.32
N MET A 289 -6.75 4.13 16.18
CA MET A 289 -6.02 3.76 17.36
C MET A 289 -6.02 4.91 18.38
N ARG A 290 -5.94 4.55 19.65
CA ARG A 290 -5.86 5.52 20.74
C ARG A 290 -4.41 5.80 21.08
N ILE A 291 -4.03 7.06 21.15
CA ILE A 291 -2.68 7.46 21.57
C ILE A 291 -2.77 7.89 23.03
N GLN A 292 -2.02 7.23 23.90
CA GLN A 292 -2.00 7.46 25.33
C GLN A 292 -0.67 8.13 25.71
N PRO A 293 -0.68 9.42 26.03
CA PRO A 293 0.55 10.12 26.40
C PRO A 293 1.20 9.62 27.65
N ILE A 294 2.52 9.48 27.56
CA ILE A 294 3.35 9.11 28.71
C ILE A 294 4.20 10.31 29.04
N ALA A 295 4.38 10.57 30.34
CA ALA A 295 5.01 11.78 30.83
C ALA A 295 6.52 11.59 30.95
N ILE A 296 7.11 11.20 29.82
CA ILE A 296 8.56 11.03 29.62
C ILE A 296 8.90 11.83 28.34
N SER A 297 9.94 12.64 28.33
CA SER A 297 10.23 13.44 27.15
C SER A 297 10.79 12.55 26.03
N ALA A 298 10.18 12.71 24.84
CA ALA A 298 10.61 12.10 23.56
C ALA A 298 11.70 12.96 22.93
N SER A 299 12.73 12.34 22.36
CA SER A 299 13.88 13.08 21.81
C SER A 299 13.78 13.58 20.33
N GLY A 300 12.75 13.18 19.60
CA GLY A 300 12.72 13.41 18.16
C GLY A 300 12.44 14.85 17.78
N ALA A 301 12.94 15.23 16.60
CA ALA A 301 12.74 16.56 16.04
C ALA A 301 11.89 16.55 14.75
N LEU A 302 11.25 17.68 14.47
CA LEU A 302 10.60 17.97 13.17
C LEU A 302 11.44 19.05 12.47
N PRO A 303 12.38 18.66 11.61
CA PRO A 303 13.25 19.65 10.95
C PRO A 303 12.51 20.50 9.95
N ASP A 304 12.94 21.75 9.78
CA ASP A 304 12.38 22.62 8.74
C ASP A 304 12.68 22.09 7.33
N THR A 305 13.87 21.49 7.18
CA THR A 305 14.33 20.92 5.92
C THR A 305 14.60 19.43 6.11
N LEU A 306 14.00 18.63 5.26
CA LEU A 306 14.12 17.18 5.30
C LEU A 306 15.04 16.58 4.28
N SER A 307 14.97 17.10 3.05
CA SER A 307 15.67 16.53 1.91
C SER A 307 15.67 17.53 0.78
N SER A 308 16.41 17.21 -0.27
CA SER A 308 16.42 18.00 -1.50
C SER A 308 15.59 17.26 -2.54
N LEU A 309 14.60 17.94 -3.13
CA LEU A 309 13.76 17.38 -4.19
C LEU A 309 14.13 18.06 -5.52
N PRO A 310 14.57 17.30 -6.53
CA PRO A 310 14.96 17.92 -7.81
C PRO A 310 13.75 18.43 -8.55
N ALA A 311 13.96 19.47 -9.36
CA ALA A 311 12.87 20.04 -10.14
C ALA A 311 12.44 19.01 -11.19
N LEU A 312 11.19 19.14 -11.63
CA LEU A 312 10.72 18.37 -12.78
C LEU A 312 11.58 18.81 -13.98
N PRO A 313 12.03 17.87 -14.78
CA PRO A 313 12.79 18.19 -15.99
C PRO A 313 11.84 18.54 -17.13
N SER A 314 12.39 18.94 -18.26
CA SER A 314 11.58 19.27 -19.42
C SER A 314 10.85 18.03 -19.95
N LEU A 315 9.65 18.25 -20.48
CA LEU A 315 8.82 17.18 -21.01
C LEU A 315 9.00 16.97 -22.52
N GLU A 316 9.72 17.87 -23.17
CA GLU A 316 9.91 17.80 -24.62
C GLU A 316 10.84 16.63 -25.00
N GLY A 317 10.42 15.85 -26.00
CA GLY A 317 11.19 14.72 -26.46
C GLY A 317 10.96 13.40 -25.72
N LEU A 318 10.30 13.41 -24.56
CA LEU A 318 10.15 12.16 -23.80
C LEU A 318 9.11 11.25 -24.44
N THR A 319 9.37 9.94 -24.45
CA THR A 319 8.39 8.94 -24.85
C THR A 319 7.11 9.04 -24.03
N VAL A 320 5.97 8.99 -24.72
CA VAL A 320 4.64 9.01 -24.12
C VAL A 320 4.04 7.61 -24.27
N ARG A 321 3.55 7.06 -23.16
CA ARG A 321 2.85 5.78 -23.17
C ARG A 321 1.46 5.99 -22.61
N LYS A 322 0.43 5.61 -23.35
CA LYS A 322 -0.94 5.85 -22.93
C LYS A 322 -1.52 4.52 -22.46
N LEU A 323 -2.15 4.56 -21.27
CA LEU A 323 -2.77 3.40 -20.64
C LEU A 323 -4.24 3.73 -20.33
N GLN A 324 -5.14 3.19 -21.14
CA GLN A 324 -6.55 3.41 -20.98
C GLN A 324 -7.13 2.27 -20.13
N LEU A 325 -7.55 2.61 -18.92
CA LEU A 325 -8.24 1.68 -18.06
C LEU A 325 -9.68 1.54 -18.50
N SER A 326 -10.21 0.32 -18.38
CA SER A 326 -11.64 0.11 -18.65
C SER A 326 -12.23 -1.07 -17.89
N MET A 327 -13.55 -1.05 -17.74
CA MET A 327 -14.30 -2.15 -17.16
C MET A 327 -15.40 -2.52 -18.14
N ASP A 328 -15.64 -3.82 -18.33
CA ASP A 328 -16.73 -4.29 -19.16
C ASP A 328 -17.98 -3.61 -18.65
N PRO A 329 -18.72 -2.92 -19.52
CA PRO A 329 -19.96 -2.25 -19.11
C PRO A 329 -20.93 -3.15 -18.37
N MET A 330 -21.02 -4.42 -18.79
CA MET A 330 -21.91 -5.40 -18.16
C MET A 330 -21.56 -5.69 -16.71
N LEU A 331 -20.29 -5.97 -16.46
CA LEU A 331 -19.80 -6.27 -15.10
C LEU A 331 -20.06 -5.06 -14.22
N ASP A 332 -19.78 -3.87 -14.73
CA ASP A 332 -19.89 -2.64 -13.97
C ASP A 332 -21.33 -2.41 -13.57
N MET A 333 -22.25 -2.64 -14.50
CA MET A 333 -23.69 -2.49 -14.22
C MET A 333 -24.22 -3.54 -13.26
N MET A 334 -23.90 -4.80 -13.51
CA MET A 334 -24.36 -5.91 -12.67
C MET A 334 -23.82 -5.75 -11.25
N GLY A 335 -22.55 -5.39 -11.14
CA GLY A 335 -21.91 -5.32 -9.85
C GLY A 335 -22.44 -4.19 -8.99
N MET A 336 -22.63 -3.02 -9.59
CA MET A 336 -23.17 -1.86 -8.91
C MET A 336 -24.63 -2.07 -8.52
N GLN A 337 -25.39 -2.74 -9.37
CA GLN A 337 -26.80 -3.07 -9.06
C GLN A 337 -26.85 -3.97 -7.83
N MET A 338 -25.97 -4.96 -7.76
CA MET A 338 -25.96 -5.84 -6.62
C MET A 338 -25.61 -5.07 -5.34
N LEU A 339 -24.65 -4.14 -5.43
CA LEU A 339 -24.29 -3.31 -4.28
C LEU A 339 -25.47 -2.47 -3.78
N MET A 340 -26.18 -1.87 -4.72
CA MET A 340 -27.31 -1.02 -4.39
C MET A 340 -28.47 -1.85 -3.84
N GLU A 341 -28.69 -3.02 -4.41
CA GLU A 341 -29.74 -3.89 -3.88
C GLU A 341 -29.44 -4.32 -2.43
N LYS A 342 -28.18 -4.60 -2.09
CA LYS A 342 -27.84 -5.06 -0.79
C LYS A 342 -27.90 -3.95 0.24
N TYR A 343 -27.29 -2.82 -0.08
CA TYR A 343 -27.11 -1.77 0.91
C TYR A 343 -27.95 -0.55 0.68
N GLY A 344 -28.57 -0.40 -0.48
CA GLY A 344 -29.34 0.81 -0.75
C GLY A 344 -28.55 2.07 -1.05
N ASP A 345 -29.24 3.21 -0.94
CA ASP A 345 -28.64 4.51 -1.27
C ASP A 345 -27.34 4.80 -0.50
N GLN A 346 -27.18 4.21 0.67
CA GLN A 346 -25.99 4.45 1.49
C GLN A 346 -24.72 3.96 0.79
N ALA A 347 -24.85 3.04 -0.15
CA ALA A 347 -23.71 2.59 -0.99
C ALA A 347 -23.20 3.65 -1.95
N MET A 348 -23.92 4.76 -2.09
CA MET A 348 -23.46 5.97 -2.82
C MET A 348 -23.45 7.25 -1.96
N ALA A 349 -23.47 7.11 -0.63
CA ALA A 349 -23.40 8.27 0.28
C ALA A 349 -22.13 9.12 0.11
N GLY A 350 -22.30 10.44 0.12
CA GLY A 350 -21.23 11.40 -0.08
C GLY A 350 -20.60 11.32 -1.46
N MET A 351 -21.32 10.73 -2.41
CA MET A 351 -20.74 10.15 -3.62
C MET A 351 -21.75 10.09 -4.74
N ASP A 375 -17.82 -12.98 -18.96
CA ASP A 375 -17.22 -13.61 -17.78
C ASP A 375 -16.41 -12.60 -16.98
N PHE A 376 -16.79 -12.38 -15.72
CA PHE A 376 -16.19 -11.29 -14.95
C PHE A 376 -14.69 -11.42 -14.63
N HIS A 377 -14.12 -12.61 -14.80
CA HIS A 377 -12.71 -12.89 -14.45
C HIS A 377 -11.70 -12.18 -15.35
N HIS A 378 -12.13 -11.72 -16.51
CA HIS A 378 -11.24 -11.01 -17.42
C HIS A 378 -11.95 -9.77 -17.94
N ALA A 379 -12.82 -9.19 -17.11
CA ALA A 379 -13.69 -8.07 -17.49
C ALA A 379 -13.06 -6.69 -17.43
N ASN A 380 -11.99 -6.57 -16.65
CA ASN A 380 -11.30 -5.31 -16.43
C ASN A 380 -10.02 -5.32 -17.25
N LYS A 381 -9.65 -4.17 -17.81
CA LYS A 381 -8.68 -4.16 -18.89
C LYS A 381 -7.82 -2.90 -18.91
N ILE A 382 -6.67 -2.97 -19.58
CA ILE A 382 -5.88 -1.80 -19.95
C ILE A 382 -5.63 -1.89 -21.47
N ASN A 383 -5.88 -0.78 -22.18
CA ASN A 383 -5.76 -0.73 -23.63
C ASN A 383 -6.50 -1.91 -24.28
N GLY A 384 -7.69 -2.18 -23.76
CA GLY A 384 -8.55 -3.18 -24.37
C GLY A 384 -8.20 -4.63 -24.10
N GLN A 385 -7.24 -4.86 -23.20
CA GLN A 385 -6.76 -6.20 -22.95
C GLN A 385 -6.75 -6.47 -21.44
N ALA A 386 -7.39 -7.57 -21.07
CA ALA A 386 -7.19 -8.16 -19.75
C ALA A 386 -5.77 -8.72 -19.63
N PHE A 387 -5.17 -8.57 -18.46
CA PHE A 387 -3.82 -9.03 -18.22
C PHE A 387 -3.48 -10.36 -18.84
N ASP A 388 -2.43 -10.34 -19.67
CA ASP A 388 -1.84 -11.52 -20.31
C ASP A 388 -0.40 -11.66 -19.83
N MET A 389 -0.19 -12.63 -18.95
CA MET A 389 1.11 -12.87 -18.35
C MET A 389 2.18 -13.31 -19.36
N ASN A 390 1.75 -13.95 -20.44
CA ASN A 390 2.66 -14.30 -21.55
C ASN A 390 3.01 -13.17 -22.54
N LYS A 391 2.38 -12.00 -22.41
CA LYS A 391 2.52 -10.96 -23.43
C LYS A 391 2.68 -9.56 -22.83
N PRO A 392 3.91 -9.20 -22.45
CA PRO A 392 4.16 -7.84 -22.01
C PRO A 392 3.75 -6.86 -23.09
N MET A 393 3.06 -5.80 -22.68
CA MET A 393 2.43 -4.86 -23.60
C MET A 393 3.44 -3.95 -24.31
N PHE A 394 4.58 -3.65 -23.67
CA PHE A 394 5.64 -2.85 -24.30
C PHE A 394 6.97 -3.05 -23.55
N ALA A 395 8.04 -2.55 -24.17
CA ALA A 395 9.36 -2.50 -23.59
C ALA A 395 9.74 -1.05 -23.32
N ALA A 396 9.77 -0.69 -22.04
CA ALA A 396 10.18 0.64 -21.65
C ALA A 396 11.71 0.78 -21.66
N ALA A 397 12.16 2.01 -21.83
CA ALA A 397 13.58 2.32 -21.75
C ALA A 397 14.11 2.18 -20.31
N LYS A 398 15.40 1.85 -20.20
CA LYS A 398 16.12 1.88 -18.93
C LYS A 398 16.83 3.23 -18.84
N GLY A 399 16.75 3.87 -17.67
CA GLY A 399 17.49 5.08 -17.37
C GLY A 399 17.08 6.30 -18.16
N GLN A 400 15.90 6.26 -18.77
CA GLN A 400 15.33 7.41 -19.47
C GLN A 400 13.95 7.73 -18.88
N TYR A 401 13.71 9.02 -18.62
CA TYR A 401 12.39 9.48 -18.26
C TYR A 401 11.38 9.23 -19.38
N GLU A 402 10.20 8.77 -18.98
CA GLU A 402 9.05 8.60 -19.86
C GLU A 402 7.85 9.29 -19.21
N ARG A 403 6.86 9.69 -20.01
CA ARG A 403 5.64 10.29 -19.52
C ARG A 403 4.52 9.30 -19.78
N TRP A 404 3.94 8.76 -18.71
CA TRP A 404 2.85 7.81 -18.82
C TRP A 404 1.55 8.51 -18.48
N VAL A 405 0.59 8.36 -19.39
CA VAL A 405 -0.72 8.99 -19.32
C VAL A 405 -1.74 7.88 -19.07
N ILE A 406 -2.40 7.90 -17.91
CA ILE A 406 -3.30 6.85 -17.50
C ILE A 406 -4.69 7.42 -17.33
N SER A 407 -5.63 6.89 -18.09
CA SER A 407 -6.97 7.42 -18.14
C SER A 407 -7.99 6.48 -17.55
N GLY A 408 -8.89 7.02 -16.72
CA GLY A 408 -10.06 6.32 -16.24
C GLY A 408 -11.35 6.84 -16.84
N VAL A 409 -11.21 7.62 -17.89
CA VAL A 409 -12.36 8.22 -18.55
C VAL A 409 -13.18 7.05 -19.06
N GLY A 410 -14.47 7.08 -18.79
CA GLY A 410 -15.35 5.99 -19.19
C GLY A 410 -16.00 5.21 -18.05
N ASP A 411 -15.49 5.40 -16.84
CA ASP A 411 -16.20 4.90 -15.65
C ASP A 411 -15.82 5.79 -14.48
N MET A 412 -16.53 5.63 -13.37
CA MET A 412 -16.39 6.55 -12.25
C MET A 412 -15.78 5.88 -11.05
N LEU A 413 -15.17 4.71 -11.25
CA LEU A 413 -14.58 3.97 -10.14
C LEU A 413 -13.18 4.46 -9.85
N LEU A 414 -12.76 4.20 -8.62
CA LEU A 414 -11.42 4.62 -8.16
C LEU A 414 -10.36 3.60 -8.53
N HIS A 415 -9.29 4.07 -9.18
CA HIS A 415 -8.17 3.23 -9.60
C HIS A 415 -6.89 3.84 -9.07
N PRO A 416 -6.37 3.36 -7.93
CA PRO A 416 -5.02 3.83 -7.53
C PRO A 416 -4.05 3.08 -8.38
N PHE A 417 -3.39 3.78 -9.29
CA PHE A 417 -2.58 3.12 -10.28
C PHE A 417 -1.13 3.05 -9.83
N HIS A 418 -0.60 1.85 -9.81
CA HIS A 418 0.74 1.54 -9.29
C HIS A 418 1.59 0.97 -10.40
N ILE A 419 2.84 1.43 -10.44
CA ILE A 419 3.84 0.97 -11.40
C ILE A 419 5.00 0.37 -10.62
N HIS A 420 5.34 -0.88 -10.92
CA HIS A 420 6.54 -1.56 -10.32
C HIS A 420 7.87 -0.95 -10.78
N GLY A 421 8.90 -1.15 -9.97
CA GLY A 421 10.28 -0.91 -10.38
C GLY A 421 10.72 0.52 -10.37
N THR A 422 9.97 1.42 -9.73
CA THR A 422 10.22 2.85 -9.82
C THR A 422 9.62 3.62 -8.64
N GLN A 423 10.15 4.83 -8.42
CA GLN A 423 9.50 5.89 -7.68
C GLN A 423 9.40 7.06 -8.64
N PHE A 424 8.18 7.49 -8.94
CA PHE A 424 7.95 8.49 -9.97
C PHE A 424 7.51 9.84 -9.39
N ARG A 425 7.36 10.81 -10.27
CA ARG A 425 6.82 12.12 -9.92
C ARG A 425 5.50 12.30 -10.64
N ILE A 426 4.50 12.77 -9.93
CA ILE A 426 3.17 13.03 -10.49
C ILE A 426 3.16 14.38 -11.16
N LEU A 427 2.79 14.37 -12.43
CA LEU A 427 2.66 15.61 -13.21
C LEU A 427 1.27 16.16 -13.08
N SER A 428 0.29 15.29 -13.27
CA SER A 428 -1.09 15.64 -13.05
C SER A 428 -1.79 14.45 -12.41
N GLU A 429 -2.54 14.72 -11.34
CA GLU A 429 -3.31 13.70 -10.67
C GLU A 429 -4.77 13.89 -10.96
N ASN A 430 -5.27 13.04 -11.85
CA ASN A 430 -6.70 12.99 -12.18
C ASN A 430 -7.17 14.38 -12.64
N GLY A 431 -6.29 15.04 -13.40
CA GLY A 431 -6.63 16.28 -14.08
C GLY A 431 -6.32 17.54 -13.32
N LYS A 432 -5.44 17.45 -12.32
CA LYS A 432 -4.99 18.63 -11.56
C LYS A 432 -3.57 18.44 -11.07
N PRO A 433 -2.77 19.49 -10.92
CA PRO A 433 -1.43 19.31 -10.32
C PRO A 433 -1.50 18.69 -8.93
N PRO A 434 -0.51 17.86 -8.54
CA PRO A 434 -0.60 17.21 -7.24
C PRO A 434 -0.52 18.20 -6.11
N ALA A 435 -1.24 17.87 -5.04
CA ALA A 435 -1.04 18.56 -3.79
C ALA A 435 0.41 18.43 -3.31
N ALA A 436 0.85 19.39 -2.50
CA ALA A 436 2.24 19.45 -2.09
C ALA A 436 2.76 18.16 -1.44
N HIS A 437 1.93 17.56 -0.58
CA HIS A 437 2.37 16.34 0.11
C HIS A 437 2.43 15.14 -0.84
N ARG A 438 1.90 15.29 -2.05
CA ARG A 438 1.88 14.25 -3.09
C ARG A 438 2.76 14.56 -4.30
N ALA A 439 3.55 15.65 -4.19
CA ALA A 439 4.42 16.12 -5.27
C ALA A 439 5.81 15.60 -5.29
N GLY A 440 6.17 14.79 -4.29
CA GLY A 440 7.47 14.16 -4.21
C GLY A 440 7.48 12.79 -4.87
N TRP A 441 8.05 11.81 -4.20
CA TRP A 441 8.31 10.50 -4.76
C TRP A 441 7.13 9.59 -4.43
N LYS A 442 6.51 9.06 -5.46
CA LYS A 442 5.29 8.29 -5.40
C LYS A 442 5.41 7.02 -6.24
N ASP A 443 4.73 5.95 -5.85
CA ASP A 443 4.58 4.76 -6.68
C ASP A 443 3.13 4.46 -7.06
N THR A 444 2.24 5.34 -6.65
CA THR A 444 0.80 5.25 -6.87
C THR A 444 0.29 6.64 -7.28
N VAL A 445 -0.66 6.68 -8.23
CA VAL A 445 -1.32 7.90 -8.61
C VAL A 445 -2.85 7.64 -8.67
N LYS A 446 -3.65 8.59 -8.19
CA LYS A 446 -5.12 8.48 -8.28
C LYS A 446 -5.61 8.63 -9.73
N VAL A 447 -6.46 7.71 -10.17
CA VAL A 447 -7.20 7.82 -11.45
C VAL A 447 -8.67 7.53 -11.19
N GLU A 448 -9.54 8.48 -11.48
CA GLU A 448 -10.97 8.34 -11.19
C GLU A 448 -11.78 9.23 -12.10
N GLY A 449 -12.14 8.66 -13.25
CA GLY A 449 -12.99 9.36 -14.20
C GLY A 449 -12.29 10.48 -14.98
N ASN A 450 -10.98 10.54 -14.87
CA ASN A 450 -10.19 11.60 -15.48
C ASN A 450 -8.85 10.99 -15.82
N VAL A 451 -7.86 11.83 -16.08
CA VAL A 451 -6.58 11.41 -16.62
C VAL A 451 -5.47 11.90 -15.71
N SER A 452 -4.53 11.01 -15.46
CA SER A 452 -3.32 11.33 -14.70
C SER A 452 -2.07 11.12 -15.58
N GLU A 453 -1.01 11.87 -15.26
CA GLU A 453 0.25 11.78 -15.97
C GLU A 453 1.38 11.72 -14.97
N VAL A 454 2.30 10.80 -15.20
CA VAL A 454 3.45 10.64 -14.32
C VAL A 454 4.74 10.62 -15.12
N LEU A 455 5.81 11.06 -14.48
CA LEU A 455 7.15 11.09 -15.01
C LEU A 455 7.91 9.99 -14.34
N VAL A 456 8.25 8.96 -15.08
CA VAL A 456 8.77 7.71 -14.58
C VAL A 456 10.13 7.37 -15.19
N LYS A 457 11.00 6.74 -14.41
CA LYS A 457 12.30 6.24 -14.86
C LYS A 457 12.58 4.91 -14.18
N PHE A 458 13.03 3.93 -14.94
CA PHE A 458 13.38 2.60 -14.47
C PHE A 458 14.89 2.41 -14.49
N ASN A 459 15.51 2.19 -13.33
CA ASN A 459 16.96 2.03 -13.20
C ASN A 459 17.41 0.59 -13.36
N HIS A 460 16.48 -0.34 -13.50
CA HIS A 460 16.78 -1.78 -13.49
C HIS A 460 16.02 -2.49 -14.61
N ASP A 461 16.59 -3.59 -15.06
CA ASP A 461 16.07 -4.38 -16.15
C ASP A 461 14.94 -5.27 -15.67
N ALA A 462 14.06 -5.63 -16.57
CA ALA A 462 13.05 -6.65 -16.33
C ALA A 462 12.76 -7.37 -17.66
N PRO A 463 13.10 -8.66 -17.77
CA PRO A 463 12.88 -9.37 -19.03
C PRO A 463 11.47 -9.94 -19.10
N LYS A 464 11.14 -10.56 -20.23
CA LYS A 464 9.78 -11.03 -20.45
C LYS A 464 9.35 -12.11 -19.46
N GLU A 465 10.30 -12.91 -19.00
CA GLU A 465 10.02 -14.04 -18.09
C GLU A 465 9.79 -13.54 -16.64
N HIS A 466 10.22 -12.31 -16.35
CA HIS A 466 10.01 -11.69 -15.03
C HIS A 466 9.75 -10.20 -15.24
N ALA A 467 8.61 -9.91 -15.85
CA ALA A 467 8.25 -8.57 -16.23
C ALA A 467 7.82 -7.74 -15.04
N TYR A 468 7.99 -6.45 -15.15
CA TYR A 468 7.33 -5.52 -14.23
C TYR A 468 5.83 -5.44 -14.49
N MET A 469 5.04 -5.18 -13.45
CA MET A 469 3.62 -4.95 -13.56
C MET A 469 3.30 -3.46 -13.48
N ALA A 470 2.19 -3.10 -14.08
CA ALA A 470 1.55 -1.78 -13.88
C ALA A 470 0.07 -2.05 -13.77
N HIS A 471 -0.58 -1.59 -12.71
CA HIS A 471 -1.95 -2.00 -12.45
C HIS A 471 -2.67 -1.14 -11.48
N CYS A 472 -4.00 -1.33 -11.46
CA CYS A 472 -4.84 -0.78 -10.40
C CYS A 472 -4.58 -1.57 -9.11
N HIS A 473 -4.42 -0.84 -8.01
CA HIS A 473 -4.18 -1.48 -6.70
C HIS A 473 -5.48 -1.68 -5.90
N LEU A 474 -6.62 -1.54 -6.55
CA LEU A 474 -7.88 -2.07 -6.05
C LEU A 474 -7.80 -3.54 -6.43
N LEU A 475 -7.52 -4.41 -5.47
CA LEU A 475 -6.99 -5.73 -5.78
C LEU A 475 -7.96 -6.57 -6.62
N GLU A 476 -9.27 -6.43 -6.41
CA GLU A 476 -10.24 -7.21 -7.19
C GLU A 476 -10.25 -6.80 -8.64
N HIS A 477 -9.92 -5.54 -8.93
CA HIS A 477 -9.76 -5.09 -10.34
C HIS A 477 -8.50 -5.69 -10.94
N GLU A 478 -7.39 -5.65 -10.19
CA GLU A 478 -6.14 -6.28 -10.67
C GLU A 478 -6.37 -7.76 -11.00
N ASP A 479 -7.03 -8.51 -10.10
CA ASP A 479 -7.17 -9.95 -10.27
C ASP A 479 -8.13 -10.33 -11.41
N THR A 480 -8.95 -9.40 -11.84
CA THR A 480 -9.86 -9.63 -12.96
C THR A 480 -9.49 -8.90 -14.24
N GLY A 481 -8.23 -8.45 -14.32
CA GLY A 481 -7.59 -8.11 -15.58
C GLY A 481 -6.97 -6.74 -15.71
N MET A 482 -7.14 -5.86 -14.73
CA MET A 482 -6.68 -4.49 -14.86
C MET A 482 -5.20 -4.37 -14.46
N MET A 483 -4.35 -4.96 -15.30
CA MET A 483 -2.90 -5.06 -15.09
C MET A 483 -2.27 -5.31 -16.45
N LEU A 484 -1.06 -4.79 -16.65
CA LEU A 484 -0.25 -5.17 -17.79
C LEU A 484 1.16 -5.45 -17.32
N GLY A 485 1.88 -6.28 -18.08
CA GLY A 485 3.30 -6.51 -17.91
C GLY A 485 4.07 -5.64 -18.89
N PHE A 486 5.24 -5.21 -18.47
CA PHE A 486 6.15 -4.50 -19.34
C PHE A 486 7.59 -4.87 -19.02
N THR A 487 8.44 -4.83 -20.04
CA THR A 487 9.87 -5.09 -19.86
C THR A 487 10.68 -3.78 -19.82
N VAL A 488 11.92 -3.89 -19.31
CA VAL A 488 12.89 -2.81 -19.34
C VAL A 488 14.23 -3.38 -19.80
CU CU B . -9.42 -0.13 -10.46
CU CU C . 4.43 -2.89 -6.44
CU2 C2C D . 1.87 -4.96 -8.25
CL C2C D . 1.47 -4.33 -5.98
CU3 C2C D . 1.37 -3.47 -3.67
#